data_5SRZ
#
_entry.id   5SRZ
#
_cell.length_a   88.775
_cell.length_b   88.775
_cell.length_c   39.477
_cell.angle_alpha   90.000
_cell.angle_beta   90.000
_cell.angle_gamma   90.000
#
_symmetry.space_group_name_H-M   'P 43'
#
loop_
_entity.id
_entity.type
_entity.pdbx_description
1 polymer 'Non-structural protein 3'
2 non-polymer '(1R,2S)-2-[(7-fluoro-9H-pyrimido[4,5-b]indol-4-yl)amino]cyclohexane-1-carboxylic acid'
3 non-polymer '(1S,2R)-2-[(7-fluoro-9H-pyrimido[4,5-b]indol-4-yl)amino]cyclohexane-1-carboxylic acid'
4 water water
#
_entity_poly.entity_id   1
_entity_poly.type   'polypeptide(L)'
_entity_poly.pdbx_seq_one_letter_code
;SMVNSFSGYLKLTDNVYIKNADIVEEAKKVKPTVVVNAANVYLKHGGGVAGALNKATNNAMQVESDDYIATNGPLKVGGS
CVLSGHNLAKHCLHVVGPNVNKGEDIQLLKSAYENFNQHEVLLAPLLSAGIFGADPIHSLRVCVDTVRTNVYLAVFDKNL
YDKLVSSFL
;
_entity_poly.pdbx_strand_id   A,B
#
# COMPACT_ATOMS: atom_id res chain seq x y z
N VAL A 3 -3.69 -23.09 -9.05
N VAL A 3 -3.55 -23.26 -9.09
CA VAL A 3 -3.40 -22.97 -10.47
CA VAL A 3 -3.22 -23.07 -10.50
C VAL A 3 -4.11 -21.75 -11.05
C VAL A 3 -3.97 -21.85 -11.05
N ASN A 4 -3.38 -20.96 -11.83
N ASN A 4 -3.25 -20.97 -11.75
CA ASN A 4 -3.93 -19.80 -12.53
CA ASN A 4 -3.83 -19.83 -12.46
C ASN A 4 -3.53 -19.85 -14.01
C ASN A 4 -3.44 -19.92 -13.95
N SER A 5 -4.01 -18.86 -14.76
N SER A 5 -3.90 -18.93 -14.74
CA SER A 5 -3.93 -18.88 -16.21
CA SER A 5 -3.86 -18.94 -16.20
C SER A 5 -2.68 -18.19 -16.80
C SER A 5 -2.66 -18.22 -16.79
N PHE A 6 -1.75 -17.71 -15.96
CA PHE A 6 -0.53 -17.07 -16.48
C PHE A 6 0.43 -18.12 -17.08
N SER A 7 0.99 -17.81 -18.26
CA SER A 7 1.77 -18.76 -19.04
C SER A 7 3.10 -18.16 -19.50
N GLY A 8 4.17 -18.98 -19.54
CA GLY A 8 5.44 -18.55 -20.10
C GLY A 8 6.29 -17.68 -19.18
N TYR A 9 5.97 -17.63 -17.89
CA TYR A 9 6.74 -16.81 -16.97
C TYR A 9 7.91 -17.60 -16.40
N LEU A 10 8.98 -16.88 -16.17
N LEU A 10 9.01 -16.85 -16.15
CA LEU A 10 10.06 -17.42 -15.42
CA LEU A 10 10.19 -17.33 -15.43
C LEU A 10 9.82 -17.13 -13.95
C LEU A 10 9.97 -17.07 -13.94
N LYS A 11 10.15 -18.10 -13.11
CA LYS A 11 9.91 -17.98 -11.67
C LYS A 11 11.18 -17.39 -11.04
N LEU A 12 11.07 -16.23 -10.37
CA LEU A 12 12.22 -15.63 -9.71
C LEU A 12 12.31 -16.04 -8.24
N THR A 13 11.17 -16.09 -7.56
CA THR A 13 11.10 -16.44 -6.15
C THR A 13 9.83 -17.25 -5.91
N ASP A 14 9.57 -17.53 -4.64
CA ASP A 14 8.35 -18.22 -4.26
C ASP A 14 7.12 -17.55 -4.86
N ASN A 15 7.12 -16.21 -4.94
CA ASN A 15 5.91 -15.46 -5.27
C ASN A 15 6.03 -14.49 -6.44
N VAL A 16 7.21 -14.31 -7.02
CA VAL A 16 7.43 -13.36 -8.09
C VAL A 16 7.83 -14.09 -9.37
N TYR A 17 7.14 -13.75 -10.46
CA TYR A 17 7.31 -14.31 -11.79
C TYR A 17 7.53 -13.17 -12.79
N ILE A 18 8.23 -13.44 -13.90
CA ILE A 18 8.57 -12.39 -14.86
C ILE A 18 8.52 -12.93 -16.29
N LYS A 19 8.11 -12.07 -17.22
CA LYS A 19 7.95 -12.43 -18.62
C LYS A 19 8.23 -11.21 -19.48
N ASN A 20 8.70 -11.44 -20.68
N ASN A 20 8.88 -11.46 -20.64
CA ASN A 20 8.78 -10.39 -21.68
CA ASN A 20 9.16 -10.42 -21.63
C ASN A 20 7.42 -10.35 -22.37
C ASN A 20 7.89 -10.27 -22.48
N ALA A 21 6.63 -9.33 -22.07
N ALA A 21 7.00 -9.36 -22.08
CA ALA A 21 5.29 -9.24 -22.63
CA ALA A 21 5.74 -9.21 -22.79
C ALA A 21 4.83 -7.79 -22.60
C ALA A 21 5.13 -7.84 -22.53
N ASP A 22 3.89 -7.50 -23.50
N ASP A 22 4.21 -7.44 -23.42
CA ASP A 22 3.15 -6.24 -23.48
CA ASP A 22 3.43 -6.21 -23.24
C ASP A 22 2.01 -6.42 -22.50
C ASP A 22 2.31 -6.48 -22.23
N ILE A 23 2.00 -5.63 -21.43
N ILE A 23 2.26 -5.68 -21.14
CA ILE A 23 1.01 -5.78 -20.38
CA ILE A 23 1.24 -5.90 -20.12
C ILE A 23 -0.41 -5.64 -20.92
C ILE A 23 -0.18 -5.73 -20.68
N VAL A 24 -0.60 -4.80 -21.94
N VAL A 24 -0.35 -4.82 -21.65
CA VAL A 24 -1.93 -4.64 -22.53
CA VAL A 24 -1.66 -4.66 -22.32
C VAL A 24 -2.38 -5.96 -23.15
C VAL A 24 -2.06 -5.96 -23.01
N GLU A 25 -1.51 -6.57 -23.94
N GLU A 25 -1.16 -6.52 -23.83
CA GLU A 25 -1.83 -7.84 -24.57
CA GLU A 25 -1.45 -7.74 -24.57
C GLU A 25 -1.90 -8.96 -23.53
C GLU A 25 -1.70 -8.92 -23.64
N GLU A 26 -0.97 -8.95 -22.54
CA GLU A 26 -1.10 -9.96 -21.50
C GLU A 26 -2.44 -9.83 -20.77
N ALA A 27 -2.84 -8.61 -20.45
CA ALA A 27 -4.13 -8.41 -19.77
C ALA A 27 -5.28 -8.86 -20.65
N LYS A 28 -5.25 -8.51 -21.94
CA LYS A 28 -6.32 -8.90 -22.86
C LYS A 28 -6.49 -10.41 -22.93
N LYS A 29 -5.43 -11.15 -22.72
N LYS A 29 -5.36 -11.14 -22.86
CA LYS A 29 -5.61 -12.57 -22.88
CA LYS A 29 -5.34 -12.61 -22.96
C LYS A 29 -5.92 -13.26 -21.58
C LYS A 29 -5.78 -13.29 -21.66
N VAL A 30 -5.25 -12.85 -20.52
CA VAL A 30 -5.49 -13.47 -19.22
C VAL A 30 -6.77 -12.96 -18.57
N LYS A 31 -7.10 -11.68 -18.73
CA LYS A 31 -8.21 -11.06 -18.02
C LYS A 31 -8.04 -11.29 -16.52
N PRO A 32 -6.91 -10.86 -15.95
CA PRO A 32 -6.63 -11.11 -14.54
C PRO A 32 -7.61 -10.36 -13.64
N THR A 33 -7.67 -10.80 -12.39
CA THR A 33 -8.46 -10.09 -11.39
C THR A 33 -7.96 -8.67 -11.21
N VAL A 34 -6.63 -8.49 -11.20
CA VAL A 34 -6.01 -7.19 -10.99
C VAL A 34 -4.90 -6.97 -12.00
N VAL A 35 -4.99 -5.88 -12.75
CA VAL A 35 -3.85 -5.34 -13.49
C VAL A 35 -3.40 -4.06 -12.80
N VAL A 36 -2.08 -3.90 -12.63
CA VAL A 36 -1.52 -2.70 -12.03
C VAL A 36 -1.19 -1.69 -13.11
N ASN A 37 -1.60 -0.45 -12.89
CA ASN A 37 -1.19 0.68 -13.72
C ASN A 37 -0.09 1.46 -13.03
N ALA A 38 0.90 1.87 -13.82
CA ALA A 38 1.95 2.79 -13.40
C ALA A 38 1.41 4.22 -13.50
N ALA A 39 0.66 4.61 -12.48
CA ALA A 39 -0.08 5.86 -12.46
C ALA A 39 0.75 7.01 -11.91
N ASN A 40 0.27 8.23 -12.17
CA ASN A 40 0.71 9.42 -11.46
C ASN A 40 -0.42 9.89 -10.54
N VAL A 41 -0.11 10.87 -9.68
CA VAL A 41 -1.05 11.26 -8.63
C VAL A 41 -2.33 11.85 -9.19
N TYR A 42 -2.29 12.36 -10.42
CA TYR A 42 -3.45 12.98 -11.06
C TYR A 42 -4.25 12.00 -11.89
N LEU A 43 -3.79 10.74 -11.96
CA LEU A 43 -4.37 9.73 -12.84
C LEU A 43 -4.52 10.26 -14.27
N LYS A 44 -3.52 11.02 -14.73
N LYS A 44 -3.49 10.97 -14.72
CA LYS A 44 -3.47 11.46 -16.12
CA LYS A 44 -3.42 11.48 -16.09
C LYS A 44 -2.65 10.44 -16.90
C LYS A 44 -2.62 10.47 -16.93
N HIS A 45 -3.36 9.62 -17.69
N HIS A 45 -3.33 9.63 -17.70
CA HIS A 45 -2.76 8.44 -18.30
CA HIS A 45 -2.73 8.51 -18.43
C HIS A 45 -2.24 8.76 -19.70
C HIS A 45 -2.40 8.96 -19.87
N GLY A 46 -1.16 9.54 -19.75
N GLY A 46 -1.29 9.67 -20.02
CA GLY A 46 -0.74 10.11 -21.01
CA GLY A 46 -0.88 10.09 -21.35
C GLY A 46 0.25 9.27 -21.81
C GLY A 46 0.16 9.17 -21.99
N GLY A 47 1.08 8.50 -21.12
N GLY A 47 1.25 8.87 -21.28
CA GLY A 47 2.15 7.78 -21.77
CA GLY A 47 2.31 8.04 -21.82
C GLY A 47 2.67 6.65 -20.92
C GLY A 47 2.52 6.75 -21.03
N GLY A 48 3.69 5.99 -21.43
N GLY A 48 3.52 5.97 -21.46
CA GLY A 48 4.18 4.82 -20.74
CA GLY A 48 3.95 4.71 -20.83
C GLY A 48 3.14 3.73 -20.64
C GLY A 48 2.83 3.68 -20.68
N VAL A 49 3.23 2.94 -19.57
N VAL A 49 2.99 2.78 -19.69
CA VAL A 49 2.24 1.91 -19.31
CA VAL A 49 1.95 1.77 -19.41
C VAL A 49 0.85 2.50 -19.22
C VAL A 49 0.59 2.43 -19.29
N ALA A 50 0.70 3.62 -18.50
N ALA A 50 0.51 3.49 -18.48
CA ALA A 50 -0.63 4.19 -18.29
CA ALA A 50 -0.72 4.25 -18.28
C ALA A 50 -1.27 4.61 -19.61
C ALA A 50 -1.39 4.63 -19.60
N GLY A 51 -0.51 5.29 -20.46
N GLY A 51 -0.67 5.32 -20.49
CA GLY A 51 -1.08 5.71 -21.73
CA GLY A 51 -1.26 5.73 -21.75
C GLY A 51 -1.48 4.51 -22.57
C GLY A 51 -1.65 4.55 -22.62
N ALA A 52 -0.71 3.43 -22.52
N ALA A 52 -0.85 3.50 -22.59
CA ALA A 52 -1.04 2.23 -23.29
CA ALA A 52 -1.10 2.28 -23.36
C ALA A 52 -2.28 1.54 -22.75
C ALA A 52 -2.28 1.50 -22.76
N LEU A 53 -2.34 1.35 -21.43
CA LEU A 53 -3.53 0.74 -20.84
C LEU A 53 -4.76 1.57 -21.15
N ASN A 54 -4.67 2.88 -20.98
CA ASN A 54 -5.82 3.73 -21.22
C ASN A 54 -6.28 3.66 -22.68
N LYS A 55 -5.32 3.70 -23.62
CA LYS A 55 -5.66 3.59 -25.04
C LYS A 55 -6.42 2.30 -25.31
N ALA A 56 -5.99 1.20 -24.69
CA ALA A 56 -6.63 -0.09 -24.90
C ALA A 56 -8.07 -0.11 -24.37
N THR A 57 -8.41 0.76 -23.41
CA THR A 57 -9.78 0.92 -22.93
C THR A 57 -10.59 1.96 -23.71
N ASN A 58 -10.05 2.47 -24.82
CA ASN A 58 -10.75 3.46 -25.63
C ASN A 58 -11.03 4.72 -24.81
N ASN A 59 -10.12 5.05 -23.88
CA ASN A 59 -10.18 6.24 -23.01
C ASN A 59 -11.18 6.09 -21.86
N ALA A 60 -11.82 4.94 -21.70
CA ALA A 60 -12.76 4.79 -20.58
C ALA A 60 -12.03 4.86 -19.24
N MET A 61 -10.79 4.34 -19.18
CA MET A 61 -10.00 4.47 -17.96
C MET A 61 -9.80 5.94 -17.58
N GLN A 62 -9.49 6.80 -18.56
CA GLN A 62 -9.30 8.22 -18.26
C GLN A 62 -10.59 8.87 -17.79
N VAL A 63 -11.72 8.56 -18.42
CA VAL A 63 -13.00 9.14 -18.02
C VAL A 63 -13.32 8.77 -16.57
N GLU A 64 -13.16 7.49 -16.22
CA GLU A 64 -13.39 7.05 -14.85
C GLU A 64 -12.44 7.73 -13.89
N SER A 65 -11.17 7.85 -14.30
CA SER A 65 -10.15 8.45 -13.46
C SER A 65 -10.43 9.92 -13.18
N ASP A 66 -10.89 10.65 -14.19
CA ASP A 66 -11.19 12.07 -14.00
C ASP A 66 -12.30 12.27 -12.99
N ASP A 67 -13.31 11.40 -13.03
CA ASP A 67 -14.36 11.45 -12.01
C ASP A 67 -13.80 11.12 -10.62
N TYR A 68 -12.90 10.13 -10.53
CA TYR A 68 -12.30 9.78 -9.25
C TYR A 68 -11.56 10.99 -8.65
N ILE A 69 -10.75 11.67 -9.47
CA ILE A 69 -9.97 12.81 -8.98
C ILE A 69 -10.88 13.97 -8.61
N ALA A 70 -11.91 14.22 -9.42
CA ALA A 70 -12.85 15.29 -9.10
C ALA A 70 -13.52 15.08 -7.74
N THR A 71 -13.74 13.83 -7.36
CA THR A 71 -14.36 13.51 -6.07
C THR A 71 -13.35 13.48 -4.93
N ASN A 72 -12.17 12.89 -5.15
CA ASN A 72 -11.26 12.54 -4.07
C ASN A 72 -9.97 13.34 -4.02
N GLY A 73 -9.65 14.10 -5.07
CA GLY A 73 -8.35 14.74 -5.17
C GLY A 73 -7.26 13.75 -5.51
N PRO A 74 -6.04 14.27 -5.65
CA PRO A 74 -4.92 13.43 -6.10
C PRO A 74 -4.56 12.33 -5.12
N LEU A 75 -3.94 11.29 -5.67
CA LEU A 75 -3.30 10.28 -4.84
C LEU A 75 -2.02 10.84 -4.22
N LYS A 76 -1.47 10.08 -3.28
CA LYS A 76 -0.13 10.30 -2.73
C LYS A 76 0.89 9.52 -3.57
N VAL A 77 2.09 10.09 -3.71
CA VAL A 77 3.20 9.29 -4.21
C VAL A 77 3.44 8.15 -3.23
N GLY A 78 3.45 6.91 -3.74
CA GLY A 78 3.49 5.72 -2.91
C GLY A 78 2.12 5.13 -2.66
N GLY A 79 1.05 5.83 -3.03
CA GLY A 79 -0.30 5.37 -2.80
C GLY A 79 -0.94 4.72 -4.02
N SER A 80 -2.22 4.37 -3.86
CA SER A 80 -2.94 3.64 -4.89
C SER A 80 -4.44 3.84 -4.72
N CYS A 81 -5.16 3.47 -5.77
CA CYS A 81 -6.61 3.30 -5.69
C CYS A 81 -7.02 2.16 -6.61
N VAL A 82 -8.14 1.53 -6.27
CA VAL A 82 -8.73 0.46 -7.07
C VAL A 82 -9.86 1.04 -7.90
N LEU A 83 -9.76 0.90 -9.22
CA LEU A 83 -10.81 1.31 -10.13
C LEU A 83 -11.14 0.13 -11.03
N SER A 84 -12.04 0.36 -11.99
CA SER A 84 -12.39 -0.71 -12.92
C SER A 84 -11.20 -1.14 -13.77
N GLY A 85 -11.18 -2.42 -14.14
CA GLY A 85 -10.25 -2.92 -15.13
C GLY A 85 -10.77 -2.85 -16.54
N HIS A 86 -11.99 -2.35 -16.73
CA HIS A 86 -12.58 -2.16 -18.07
C HIS A 86 -12.51 -3.48 -18.83
N ASN A 87 -12.04 -3.46 -20.08
CA ASN A 87 -11.93 -4.64 -20.92
C ASN A 87 -10.67 -5.44 -20.68
N LEU A 88 -9.83 -5.02 -19.73
CA LEU A 88 -8.51 -5.62 -19.54
C LEU A 88 -8.41 -6.56 -18.34
N ALA A 89 -9.24 -6.36 -17.32
CA ALA A 89 -9.12 -7.05 -16.02
C ALA A 89 -10.41 -6.74 -15.26
N LYS A 90 -10.68 -7.43 -14.14
N LYS A 90 -10.63 -7.48 -14.17
CA LYS A 90 -11.79 -7.04 -13.28
CA LYS A 90 -11.73 -7.12 -13.29
C LYS A 90 -11.51 -5.68 -12.67
C LYS A 90 -11.49 -5.73 -12.70
N HIS A 91 -10.30 -5.52 -12.13
CA HIS A 91 -9.92 -4.29 -11.45
C HIS A 91 -8.60 -3.80 -11.99
N CYS A 92 -8.42 -2.49 -11.93
CA CYS A 92 -7.11 -1.88 -12.13
C CYS A 92 -6.67 -1.24 -10.82
N LEU A 93 -5.52 -1.67 -10.31
CA LEU A 93 -4.88 -1.04 -9.16
C LEU A 93 -3.92 0.02 -9.70
N HIS A 94 -4.31 1.29 -9.57
CA HIS A 94 -3.47 2.41 -9.99
C HIS A 94 -2.49 2.70 -8.85
N VAL A 95 -1.20 2.48 -9.10
CA VAL A 95 -0.17 2.64 -8.08
C VAL A 95 0.80 3.72 -8.53
N VAL A 96 1.10 4.66 -7.64
CA VAL A 96 2.00 5.77 -7.93
C VAL A 96 3.38 5.46 -7.34
N GLY A 97 4.31 5.06 -8.19
CA GLY A 97 5.70 5.02 -7.81
C GLY A 97 6.31 6.41 -7.94
N PRO A 98 7.41 6.67 -7.23
CA PRO A 98 8.09 7.95 -7.40
C PRO A 98 8.63 8.11 -8.81
N ASN A 99 8.51 9.33 -9.34
CA ASN A 99 9.04 9.69 -10.65
C ASN A 99 10.35 10.44 -10.43
N VAL A 100 11.47 9.77 -10.74
CA VAL A 100 12.81 10.36 -10.60
C VAL A 100 12.94 11.60 -11.48
N ASN A 101 12.23 11.62 -12.62
N ASN A 101 12.32 11.61 -12.66
CA ASN A 101 12.26 12.81 -13.48
CA ASN A 101 12.37 12.77 -13.55
C ASN A 101 11.45 13.97 -12.89
C ASN A 101 11.56 13.97 -13.01
N LYS A 102 10.78 13.78 -11.75
N LYS A 102 10.87 13.82 -11.88
CA LYS A 102 10.17 14.87 -10.98
CA LYS A 102 10.25 14.92 -11.15
C LYS A 102 10.86 15.11 -9.67
C LYS A 102 10.94 15.20 -9.80
N GLY A 103 11.96 14.42 -9.42
CA GLY A 103 12.67 14.57 -8.16
C GLY A 103 12.06 13.92 -6.93
N GLU A 104 11.22 12.89 -7.08
CA GLU A 104 10.57 12.23 -5.94
C GLU A 104 11.48 11.20 -5.27
N ASP A 105 11.26 10.97 -3.99
N ASP A 105 11.26 11.01 -3.94
CA ASP A 105 12.18 10.17 -3.18
CA ASP A 105 12.11 10.17 -3.09
C ASP A 105 11.98 8.70 -3.53
C ASP A 105 11.98 8.69 -3.48
N ILE A 106 13.09 8.06 -3.91
CA ILE A 106 13.06 6.67 -4.37
C ILE A 106 12.70 5.72 -3.24
N GLN A 107 12.92 6.13 -1.96
CA GLN A 107 12.47 5.34 -0.81
C GLN A 107 10.97 5.09 -0.87
N LEU A 108 10.23 5.94 -1.59
CA LEU A 108 8.79 5.75 -1.68
C LEU A 108 8.45 4.57 -2.58
N LEU A 109 9.44 4.00 -3.28
CA LEU A 109 9.16 2.84 -4.13
C LEU A 109 8.70 1.65 -3.30
N LYS A 110 9.29 1.45 -2.11
CA LYS A 110 8.85 0.35 -1.25
C LYS A 110 7.39 0.54 -0.84
N SER A 111 7.03 1.76 -0.43
CA SER A 111 5.64 2.05 -0.08
C SER A 111 4.71 1.75 -1.25
N ALA A 112 5.13 2.11 -2.45
CA ALA A 112 4.30 1.85 -3.64
C ALA A 112 4.05 0.35 -3.80
N TYR A 113 5.11 -0.46 -3.71
CA TYR A 113 4.94 -1.91 -3.86
C TYR A 113 4.11 -2.53 -2.73
N GLU A 114 4.09 -1.92 -1.53
CA GLU A 114 3.28 -2.46 -0.44
C GLU A 114 1.81 -2.54 -0.82
N ASN A 115 1.35 -1.66 -1.72
CA ASN A 115 -0.05 -1.72 -2.15
C ASN A 115 -0.37 -3.07 -2.77
N PHE A 116 0.61 -3.72 -3.39
CA PHE A 116 0.34 -5.00 -4.04
C PHE A 116 -0.09 -6.07 -3.02
N ASN A 117 0.32 -5.94 -1.76
CA ASN A 117 0.04 -6.96 -0.76
C ASN A 117 -1.43 -7.04 -0.40
N GLN A 118 -2.25 -6.09 -0.83
CA GLN A 118 -3.68 -6.12 -0.56
C GLN A 118 -4.41 -6.98 -1.58
N HIS A 119 -3.70 -7.61 -2.53
CA HIS A 119 -4.30 -8.41 -3.60
C HIS A 119 -3.55 -9.71 -3.73
N GLU A 120 -4.29 -10.82 -3.77
CA GLU A 120 -3.66 -12.14 -3.75
C GLU A 120 -2.81 -12.41 -4.99
N VAL A 121 -3.27 -11.95 -6.16
CA VAL A 121 -2.58 -12.16 -7.43
C VAL A 121 -2.70 -10.89 -8.28
N LEU A 122 -1.61 -10.50 -8.93
CA LEU A 122 -1.61 -9.30 -9.77
C LEU A 122 -0.74 -9.49 -11.00
N LEU A 123 -1.18 -8.90 -12.10
CA LEU A 123 -0.35 -8.65 -13.29
C LEU A 123 0.16 -7.23 -13.19
N ALA A 124 1.47 -7.05 -13.28
CA ALA A 124 2.00 -5.72 -13.01
C ALA A 124 3.22 -5.37 -13.83
N PRO A 125 3.47 -4.08 -14.02
N PRO A 125 3.47 -4.11 -14.04
CA PRO A 125 4.74 -3.61 -14.54
CA PRO A 125 4.68 -3.66 -14.72
C PRO A 125 5.69 -3.36 -13.37
C PRO A 125 5.73 -3.26 -13.68
N LEU A 126 6.94 -3.16 -13.70
N LEU A 126 6.92 -2.85 -14.12
CA LEU A 126 7.90 -2.70 -12.71
CA LEU A 126 7.99 -2.46 -13.19
C LEU A 126 7.66 -1.24 -12.37
C LEU A 126 7.81 -0.99 -12.80
N LEU A 127 7.33 -0.97 -11.11
N LEU A 127 7.49 -0.73 -11.53
CA LEU A 127 7.01 0.38 -10.69
CA LEU A 127 7.20 0.63 -11.05
C LEU A 127 8.22 1.29 -10.81
C LEU A 127 8.48 1.48 -11.00
N SER A 128 7.97 2.52 -11.22
N SER A 128 8.33 2.78 -11.30
CA SER A 128 8.95 3.58 -11.39
CA SER A 128 9.37 3.81 -11.21
C SER A 128 9.94 3.32 -12.52
C SER A 128 10.48 3.72 -12.28
N ALA A 129 9.76 2.25 -13.31
N ALA A 129 10.47 2.69 -13.11
CA ALA A 129 10.59 1.98 -14.47
CA ALA A 129 11.47 2.52 -14.17
C ALA A 129 10.14 2.83 -15.64
C ALA A 129 10.92 3.11 -15.48
N GLY A 130 10.73 2.61 -16.81
N GLY A 130 11.48 2.70 -16.62
CA GLY A 130 10.32 3.33 -18.00
CA GLY A 130 11.06 3.28 -17.90
C GLY A 130 10.45 4.82 -17.81
C GLY A 130 11.12 4.79 -17.87
N ILE A 131 9.42 5.56 -18.22
N ILE A 131 10.05 5.43 -18.34
CA ILE A 131 9.45 7.02 -18.18
CA ILE A 131 10.01 6.89 -18.41
C ILE A 131 9.45 7.58 -16.77
C ILE A 131 9.90 7.56 -17.04
N PHE A 132 9.25 6.75 -15.74
N PHE A 132 9.72 6.79 -15.95
CA PHE A 132 9.37 7.25 -14.37
CA PHE A 132 9.71 7.32 -14.59
C PHE A 132 10.83 7.33 -13.91
C PHE A 132 11.13 7.59 -14.06
N GLY A 133 11.77 6.82 -14.67
N GLY A 133 12.19 7.04 -14.69
CA GLY A 133 13.16 7.17 -14.52
CA GLY A 133 13.57 7.47 -14.45
C GLY A 133 13.97 6.39 -13.50
C GLY A 133 14.44 6.63 -13.54
N ALA A 134 13.39 5.41 -12.82
N ALA A 134 13.88 5.73 -12.71
CA ALA A 134 14.18 4.62 -11.89
CA ALA A 134 14.74 4.97 -11.78
C ALA A 134 14.87 3.48 -12.60
C ALA A 134 15.36 3.75 -12.46
N ASP A 135 15.86 2.91 -11.93
N ASP A 135 16.32 3.11 -11.77
CA ASP A 135 16.58 1.74 -12.44
CA ASP A 135 17.01 1.93 -12.30
C ASP A 135 15.68 0.52 -12.32
C ASP A 135 16.10 0.70 -12.20
N PRO A 136 15.31 -0.13 -13.44
N PRO A 136 15.81 0.02 -13.32
CA PRO A 136 14.42 -1.29 -13.33
CA PRO A 136 14.90 -1.15 -13.25
C PRO A 136 14.99 -2.46 -12.53
C PRO A 136 15.41 -2.31 -12.40
N ILE A 137 16.32 -2.61 -12.51
N ILE A 137 16.72 -2.56 -12.37
CA ILE A 137 16.92 -3.65 -11.67
CA ILE A 137 17.22 -3.65 -11.54
C ILE A 137 16.66 -3.36 -10.19
C ILE A 137 16.86 -3.38 -10.10
N HIS A 138 16.87 -2.10 -9.73
CA HIS A 138 16.48 -1.71 -8.37
C HIS A 138 15.00 -1.94 -8.13
N SER A 139 14.16 -1.55 -9.08
CA SER A 139 12.72 -1.76 -8.91
C SER A 139 12.40 -3.23 -8.72
N LEU A 140 13.03 -4.12 -9.49
CA LEU A 140 12.79 -5.54 -9.33
C LEU A 140 13.22 -6.02 -7.94
N ARG A 141 14.36 -5.53 -7.45
CA ARG A 141 14.83 -5.92 -6.13
C ARG A 141 13.83 -5.49 -5.05
N VAL A 142 13.34 -4.26 -5.13
CA VAL A 142 12.36 -3.80 -4.15
C VAL A 142 11.09 -4.62 -4.25
N CYS A 143 10.65 -4.93 -5.47
CA CYS A 143 9.47 -5.77 -5.64
C CYS A 143 9.63 -7.09 -4.90
N VAL A 144 10.74 -7.79 -5.15
CA VAL A 144 10.97 -9.10 -4.57
C VAL A 144 11.04 -9.03 -3.06
N ASP A 145 11.62 -7.95 -2.54
CA ASP A 145 11.82 -7.78 -1.10
C ASP A 145 10.61 -7.18 -0.39
N THR A 146 9.56 -6.81 -1.11
CA THR A 146 8.41 -6.13 -0.52
C THR A 146 7.09 -6.86 -0.73
N VAL A 147 6.85 -7.36 -1.94
CA VAL A 147 5.60 -8.01 -2.27
C VAL A 147 5.65 -9.44 -1.79
N ARG A 148 4.61 -9.85 -1.06
CA ARG A 148 4.45 -11.20 -0.56
C ARG A 148 3.35 -11.97 -1.26
N THR A 149 2.46 -11.27 -1.96
CA THR A 149 1.43 -11.90 -2.76
C THR A 149 2.00 -12.27 -4.12
N ASN A 150 1.21 -12.94 -4.95
CA ASN A 150 1.72 -13.50 -6.20
C ASN A 150 1.67 -12.46 -7.30
N VAL A 151 2.84 -12.10 -7.81
CA VAL A 151 2.96 -11.03 -8.78
C VAL A 151 3.60 -11.57 -10.05
N TYR A 152 2.94 -11.28 -11.17
CA TYR A 152 3.33 -11.64 -12.52
C TYR A 152 3.77 -10.35 -13.19
N LEU A 153 5.05 -10.18 -13.41
N LEU A 153 5.10 -10.19 -13.29
CA LEU A 153 5.56 -8.94 -13.95
CA LEU A 153 5.75 -9.03 -13.90
C LEU A 153 5.73 -9.03 -15.46
C LEU A 153 5.91 -9.26 -15.39
N ALA A 154 5.18 -8.05 -16.16
N ALA A 154 5.23 -8.44 -16.19
CA ALA A 154 5.29 -7.95 -17.60
CA ALA A 154 5.38 -8.49 -17.64
C ALA A 154 6.32 -6.87 -17.92
C ALA A 154 6.30 -7.34 -18.05
N VAL A 155 7.35 -7.24 -18.67
N VAL A 155 7.46 -7.64 -18.63
CA VAL A 155 8.41 -6.32 -19.08
CA VAL A 155 8.40 -6.57 -19.00
C VAL A 155 8.35 -6.20 -20.59
C VAL A 155 8.43 -6.42 -20.53
N PHE A 156 8.04 -5.00 -21.07
N PHE A 156 8.02 -5.24 -21.02
CA PHE A 156 7.80 -4.79 -22.51
CA PHE A 156 7.86 -4.97 -22.45
C PHE A 156 9.07 -5.00 -23.33
C PHE A 156 9.21 -4.95 -23.18
N ASP A 157 10.21 -4.49 -22.85
N ASP A 157 10.19 -4.19 -22.69
CA ASP A 157 11.43 -4.47 -23.63
CA ASP A 157 11.50 -4.09 -23.35
C ASP A 157 12.20 -5.78 -23.47
C ASP A 157 12.21 -5.44 -23.41
N LYS A 158 12.39 -6.50 -24.57
N LYS A 158 12.38 -5.98 -24.61
CA LYS A 158 13.07 -7.79 -24.51
CA LYS A 158 13.00 -7.30 -24.75
C LYS A 158 14.49 -7.63 -23.98
C LYS A 158 14.45 -7.30 -24.25
N ASN A 159 15.21 -6.62 -24.48
N ASN A 159 15.18 -6.19 -24.44
CA ASN A 159 16.57 -6.39 -24.00
CA ASN A 159 16.55 -6.09 -23.96
C ASN A 159 16.59 -6.19 -22.49
C ASN A 159 16.66 -5.79 -22.46
N LEU A 160 15.65 -5.39 -21.97
N LEU A 160 15.69 -5.08 -21.86
CA LEU A 160 15.60 -5.19 -20.53
CA LEU A 160 15.71 -4.89 -20.42
C LEU A 160 15.24 -6.48 -19.82
C LEU A 160 15.41 -6.20 -19.72
N TYR A 161 14.25 -7.21 -20.32
N TYR A 161 14.45 -6.96 -20.25
CA TYR A 161 13.86 -8.47 -19.68
CA TYR A 161 14.09 -8.26 -19.69
C TYR A 161 15.08 -9.38 -19.50
C TYR A 161 15.31 -9.17 -19.61
N ASP A 162 15.87 -9.54 -20.55
N ASP A 162 16.06 -9.28 -20.72
CA ASP A 162 17.05 -10.40 -20.44
CA ASP A 162 17.24 -10.14 -20.76
C ASP A 162 18.09 -9.83 -19.42
C ASP A 162 18.22 -9.78 -19.65
N LYS A 163 18.36 -8.49 -19.41
CA LYS A 163 19.27 -7.94 -18.39
C LYS A 163 18.75 -8.17 -16.97
N LEU A 164 17.45 -8.02 -16.76
CA LEU A 164 16.86 -8.22 -15.43
C LEU A 164 17.05 -9.66 -14.97
N VAL A 165 16.81 -10.63 -15.87
CA VAL A 165 16.99 -12.03 -15.51
C VAL A 165 18.45 -12.33 -15.23
N SER A 166 19.32 -11.92 -16.13
CA SER A 166 20.74 -12.29 -16.04
C SER A 166 21.41 -11.68 -14.82
N SER A 167 20.89 -10.55 -14.32
CA SER A 167 21.49 -9.87 -13.17
C SER A 167 20.79 -10.17 -11.86
N PHE A 168 19.77 -11.04 -11.88
CA PHE A 168 18.93 -11.24 -10.69
C PHE A 168 19.68 -12.07 -9.66
N LEU A 169 19.69 -11.60 -8.41
CA LEU A 169 20.36 -12.33 -7.35
C LEU A 169 19.34 -13.14 -6.56
N SER B 1 -1.04 27.39 15.84
N SER B 1 -1.07 27.46 15.76
CA SER B 1 -1.66 26.20 16.46
CA SER B 1 -1.67 26.23 16.32
C SER B 1 -0.72 25.02 16.54
C SER B 1 -0.71 25.03 16.41
N MET B 2 -0.93 24.20 17.56
N MET B 2 -0.99 24.21 17.41
CA MET B 2 -0.10 23.04 17.85
CA MET B 2 -0.15 23.08 17.82
C MET B 2 -0.84 21.79 17.40
C MET B 2 -0.84 21.79 17.40
N VAL B 3 -0.28 21.10 16.42
CA VAL B 3 -0.73 19.77 15.99
C VAL B 3 0.49 18.85 16.04
N ASN B 4 0.24 17.56 16.23
CA ASN B 4 1.33 16.57 16.28
C ASN B 4 2.37 16.93 17.34
N SER B 5 1.92 17.39 18.51
N SER B 5 1.90 17.37 18.52
CA SER B 5 2.81 17.78 19.59
CA SER B 5 2.80 17.78 19.61
C SER B 5 2.94 16.61 20.56
C SER B 5 2.93 16.60 20.57
N PHE B 6 3.73 15.63 20.15
CA PHE B 6 3.98 14.42 20.93
C PHE B 6 5.07 14.70 21.95
N SER B 7 4.82 14.35 23.21
CA SER B 7 5.78 14.56 24.28
C SER B 7 5.83 13.37 25.24
N GLY B 8 7.03 13.10 25.74
CA GLY B 8 7.24 12.08 26.76
C GLY B 8 7.35 10.70 26.16
N TYR B 9 7.63 10.59 24.86
CA TYR B 9 7.82 9.30 24.22
C TYR B 9 9.25 8.82 24.31
N LEU B 10 9.37 7.51 24.45
CA LEU B 10 10.65 6.80 24.46
C LEU B 10 10.94 6.32 23.05
N LYS B 11 12.13 6.61 22.60
N LYS B 11 12.13 6.66 22.55
CA LYS B 11 12.55 6.25 21.26
CA LYS B 11 12.56 6.25 21.21
C LYS B 11 12.97 4.78 21.23
C LYS B 11 12.95 4.78 21.22
N LEU B 12 12.34 3.98 20.34
CA LEU B 12 12.75 2.58 20.15
C LEU B 12 13.62 2.43 18.92
N THR B 13 13.24 3.08 17.82
CA THR B 13 14.03 3.12 16.60
C THR B 13 13.97 4.57 16.09
N ASP B 14 14.63 4.83 14.97
CA ASP B 14 14.62 6.18 14.42
C ASP B 14 13.21 6.67 14.11
N ASN B 15 12.24 5.76 13.93
CA ASN B 15 10.88 6.19 13.57
C ASN B 15 9.78 5.64 14.45
N VAL B 16 10.08 4.82 15.47
CA VAL B 16 9.05 4.23 16.32
C VAL B 16 9.31 4.69 17.76
N TYR B 17 8.26 5.27 18.36
CA TYR B 17 8.31 5.86 19.69
C TYR B 17 7.17 5.26 20.50
N ILE B 18 7.32 5.22 21.83
CA ILE B 18 6.33 4.54 22.67
C ILE B 18 6.14 5.30 23.97
N LYS B 19 4.91 5.27 24.49
CA LYS B 19 4.54 5.97 25.72
C LYS B 19 3.48 5.17 26.46
N ASN B 20 3.56 5.18 27.79
CA ASN B 20 2.50 4.64 28.64
C ASN B 20 1.42 5.72 28.74
N ALA B 21 0.32 5.53 28.01
CA ALA B 21 -0.71 6.56 27.91
C ALA B 21 -2.02 5.95 27.42
N ASP B 22 -3.11 6.62 27.78
CA ASP B 22 -4.46 6.41 27.25
C ASP B 22 -4.55 7.12 25.90
N ILE B 23 -4.77 6.35 24.82
CA ILE B 23 -4.71 6.91 23.47
C ILE B 23 -5.73 8.01 23.24
N VAL B 24 -6.90 7.93 23.91
CA VAL B 24 -7.89 9.00 23.78
C VAL B 24 -7.36 10.29 24.41
N GLU B 25 -6.85 10.18 25.64
CA GLU B 25 -6.27 11.36 26.29
C GLU B 25 -5.09 11.89 25.50
N GLU B 26 -4.27 10.99 24.96
CA GLU B 26 -3.15 11.42 24.12
C GLU B 26 -3.64 12.17 22.89
N ALA B 27 -4.65 11.61 22.19
CA ALA B 27 -5.15 12.28 21.00
C ALA B 27 -5.63 13.69 21.31
N LYS B 28 -6.34 13.86 22.43
CA LYS B 28 -6.88 15.19 22.76
C LYS B 28 -5.77 16.18 23.09
N LYS B 29 -4.65 15.69 23.59
N LYS B 29 -4.64 15.70 23.66
CA LYS B 29 -3.56 16.58 23.94
CA LYS B 29 -3.50 16.55 24.00
C LYS B 29 -2.61 16.84 22.78
C LYS B 29 -2.63 16.84 22.78
N VAL B 30 -2.27 15.80 22.02
CA VAL B 30 -1.30 15.89 20.91
C VAL B 30 -1.88 16.58 19.69
N LYS B 31 -3.19 16.46 19.50
N LYS B 31 -3.18 16.41 19.48
CA LYS B 31 -3.86 16.94 18.30
CA LYS B 31 -3.86 16.94 18.31
C LYS B 31 -3.21 16.36 17.04
C LYS B 31 -3.20 16.37 17.06
N PRO B 32 -3.18 15.04 16.89
CA PRO B 32 -2.49 14.45 15.74
C PRO B 32 -3.28 14.61 14.44
N THR B 33 -2.52 14.65 13.34
CA THR B 33 -3.16 14.56 12.03
C THR B 33 -3.89 13.24 11.87
N VAL B 34 -3.30 12.15 12.37
CA VAL B 34 -3.89 10.82 12.20
C VAL B 34 -3.86 10.07 13.53
N VAL B 35 -5.01 9.58 13.97
CA VAL B 35 -5.07 8.56 15.02
C VAL B 35 -5.50 7.26 14.37
N VAL B 36 -4.83 6.16 14.72
CA VAL B 36 -5.17 4.86 14.20
C VAL B 36 -6.20 4.19 15.12
N ASN B 37 -7.22 3.61 14.52
CA ASN B 37 -8.18 2.76 15.22
C ASN B 37 -7.86 1.29 14.95
N ALA B 38 -7.95 0.50 16.01
CA ALA B 38 -7.90 -0.96 15.93
C ALA B 38 -9.28 -1.48 15.51
N ALA B 39 -9.53 -1.40 14.20
CA ALA B 39 -10.84 -1.65 13.60
C ALA B 39 -11.02 -3.12 13.23
N ASN B 40 -12.28 -3.46 12.95
CA ASN B 40 -12.65 -4.71 12.32
C ASN B 40 -13.29 -4.41 10.95
N VAL B 41 -13.54 -5.46 10.16
CA VAL B 41 -13.88 -5.25 8.74
C VAL B 41 -15.20 -4.50 8.56
N TYR B 42 -16.13 -4.61 9.52
CA TYR B 42 -17.40 -3.90 9.41
C TYR B 42 -17.42 -2.61 10.22
N LEU B 43 -16.27 -2.18 10.72
CA LEU B 43 -16.15 -0.93 11.46
C LEU B 43 -17.21 -0.85 12.57
N LYS B 44 -17.37 -1.96 13.30
CA LYS B 44 -18.25 -2.02 14.47
C LYS B 44 -17.37 -1.80 15.70
N HIS B 45 -17.46 -0.61 16.28
CA HIS B 45 -16.50 -0.14 17.28
C HIS B 45 -16.99 -0.48 18.68
N GLY B 46 -16.93 -1.76 19.01
CA GLY B 46 -17.52 -2.21 20.28
C GLY B 46 -16.63 -2.15 21.50
N GLY B 47 -15.40 -2.66 21.38
CA GLY B 47 -14.57 -2.96 22.53
C GLY B 47 -13.16 -2.39 22.35
N GLY B 48 -12.36 -2.50 23.41
CA GLY B 48 -10.97 -2.09 23.33
C GLY B 48 -10.81 -0.68 22.81
N VAL B 49 -9.78 -0.49 21.98
CA VAL B 49 -9.46 0.84 21.46
C VAL B 49 -10.64 1.41 20.68
N ALA B 50 -11.25 0.61 19.81
CA ALA B 50 -12.30 1.14 18.96
C ALA B 50 -13.48 1.62 19.79
N GLY B 51 -13.86 0.86 20.82
CA GLY B 51 -14.95 1.30 21.67
C GLY B 51 -14.62 2.60 22.38
N ALA B 52 -13.38 2.75 22.83
CA ALA B 52 -12.98 3.97 23.53
C ALA B 52 -12.95 5.16 22.59
N LEU B 53 -12.39 5.01 21.39
CA LEU B 53 -12.38 6.12 20.43
C LEU B 53 -13.81 6.51 20.07
N ASN B 54 -14.66 5.53 19.77
CA ASN B 54 -16.03 5.86 19.38
C ASN B 54 -16.77 6.57 20.51
N LYS B 55 -16.61 6.08 21.75
CA LYS B 55 -17.26 6.74 22.88
C LYS B 55 -16.80 8.19 23.01
N ALA B 56 -15.51 8.46 22.79
CA ALA B 56 -15.01 9.82 22.91
C ALA B 56 -15.67 10.73 21.88
N THR B 57 -16.07 10.18 20.72
CA THR B 57 -16.75 10.96 19.69
C THR B 57 -18.26 11.03 19.91
N ASN B 58 -18.75 10.53 21.04
CA ASN B 58 -20.19 10.50 21.29
C ASN B 58 -20.94 9.76 20.18
N ASN B 59 -20.35 8.66 19.69
CA ASN B 59 -20.94 7.75 18.69
C ASN B 59 -20.89 8.33 17.29
N ALA B 60 -20.33 9.52 17.06
CA ALA B 60 -20.27 10.05 15.71
C ALA B 60 -19.42 9.18 14.80
N MET B 61 -18.34 8.60 15.35
CA MET B 61 -17.50 7.70 14.57
C MET B 61 -18.32 6.51 14.07
N GLN B 62 -19.17 5.94 14.93
CA GLN B 62 -19.95 4.77 14.51
C GLN B 62 -20.96 5.14 13.43
N VAL B 63 -21.63 6.27 13.57
CA VAL B 63 -22.60 6.69 12.55
C VAL B 63 -21.90 6.86 11.21
N GLU B 64 -20.77 7.57 11.22
CA GLU B 64 -20.00 7.77 9.99
C GLU B 64 -19.53 6.44 9.41
N SER B 65 -19.09 5.53 10.28
CA SER B 65 -18.60 4.24 9.84
C SER B 65 -19.69 3.40 9.19
N ASP B 66 -20.89 3.38 9.78
CA ASP B 66 -21.98 2.61 9.19
C ASP B 66 -22.33 3.13 7.79
N ASP B 67 -22.32 4.46 7.61
CA ASP B 67 -22.54 5.03 6.29
C ASP B 67 -21.44 4.62 5.31
N TYR B 68 -20.17 4.65 5.75
CA TYR B 68 -19.06 4.20 4.92
C TYR B 68 -19.30 2.76 4.45
N ILE B 69 -19.69 1.88 5.38
CA ILE B 69 -19.92 0.47 5.06
C ILE B 69 -21.08 0.32 4.07
N ALA B 70 -22.15 1.08 4.26
CA ALA B 70 -23.28 0.98 3.33
C ALA B 70 -22.84 1.29 1.91
N THR B 71 -21.95 2.27 1.76
CA THR B 71 -21.51 2.71 0.44
C THR B 71 -20.44 1.80 -0.14
N ASN B 72 -19.52 1.29 0.70
CA ASN B 72 -18.31 0.64 0.23
C ASN B 72 -18.20 -0.84 0.55
N GLY B 73 -19.02 -1.37 1.46
CA GLY B 73 -18.83 -2.73 1.92
C GLY B 73 -17.69 -2.84 2.91
N PRO B 74 -17.51 -4.05 3.44
CA PRO B 74 -16.50 -4.27 4.48
C PRO B 74 -15.08 -4.13 3.95
N LEU B 75 -14.17 -3.77 4.85
CA LEU B 75 -12.75 -3.78 4.56
C LEU B 75 -12.25 -5.23 4.46
N LYS B 76 -11.02 -5.38 3.97
CA LYS B 76 -10.28 -6.64 4.05
C LYS B 76 -9.47 -6.66 5.34
N VAL B 77 -9.29 -7.85 5.94
CA VAL B 77 -8.31 -8.00 7.00
C VAL B 77 -6.94 -7.64 6.42
N GLY B 78 -6.23 -6.74 7.08
CA GLY B 78 -4.99 -6.18 6.59
C GLY B 78 -5.15 -4.86 5.88
N GLY B 79 -6.40 -4.43 5.62
CA GLY B 79 -6.69 -3.20 4.93
C GLY B 79 -7.03 -2.06 5.89
N SER B 80 -7.38 -0.91 5.30
CA SER B 80 -7.67 0.29 6.07
C SER B 80 -8.57 1.24 5.27
N CYS B 81 -9.14 2.20 5.99
CA CYS B 81 -9.76 3.35 5.35
C CYS B 81 -9.53 4.58 6.21
N VAL B 82 -9.55 5.74 5.55
CA VAL B 82 -9.41 7.04 6.21
C VAL B 82 -10.78 7.66 6.37
N LEU B 83 -11.16 7.98 7.61
CA LEU B 83 -12.39 8.69 7.91
C LEU B 83 -12.04 9.88 8.79
N SER B 84 -13.08 10.62 9.22
CA SER B 84 -12.83 11.77 10.08
C SER B 84 -12.26 11.35 11.43
N GLY B 85 -11.46 12.22 12.02
CA GLY B 85 -10.98 12.06 13.37
C GLY B 85 -11.84 12.76 14.42
N HIS B 86 -12.91 13.45 14.03
CA HIS B 86 -13.89 13.99 15.00
C HIS B 86 -13.18 14.91 15.99
N ASN B 87 -13.34 14.70 17.29
CA ASN B 87 -12.68 15.52 18.31
C ASN B 87 -11.33 14.95 18.73
N LEU B 88 -10.81 13.97 18.00
CA LEU B 88 -9.57 13.29 18.36
C LEU B 88 -8.40 13.63 17.46
N ALA B 89 -8.65 13.94 16.19
CA ALA B 89 -7.58 14.04 15.21
C ALA B 89 -8.19 14.61 13.95
N LYS B 90 -7.34 15.03 13.01
CA LYS B 90 -7.87 15.41 11.71
C LYS B 90 -8.55 14.21 11.05
N HIS B 91 -7.85 13.07 11.05
CA HIS B 91 -8.31 11.84 10.43
C HIS B 91 -8.19 10.69 11.40
N CYS B 92 -9.06 9.70 11.24
CA CYS B 92 -8.87 8.39 11.85
C CYS B 92 -8.57 7.39 10.74
N LEU B 93 -7.43 6.72 10.84
CA LEU B 93 -7.08 5.61 9.97
C LEU B 93 -7.56 4.32 10.63
N HIS B 94 -8.63 3.75 10.10
CA HIS B 94 -9.19 2.50 10.61
C HIS B 94 -8.42 1.36 9.98
N VAL B 95 -7.61 0.63 10.77
CA VAL B 95 -6.77 -0.44 10.25
C VAL B 95 -7.23 -1.76 10.85
N VAL B 96 -7.39 -2.76 10.00
CA VAL B 96 -7.86 -4.08 10.43
C VAL B 96 -6.66 -5.01 10.55
N GLY B 97 -6.21 -5.25 11.78
CA GLY B 97 -5.26 -6.31 12.04
C GLY B 97 -5.99 -7.62 12.19
N PRO B 98 -5.29 -8.74 12.01
CA PRO B 98 -5.91 -10.05 12.24
C PRO B 98 -6.29 -10.22 13.71
N ASN B 99 -7.48 -10.76 13.94
CA ASN B 99 -7.97 -11.10 15.28
C ASN B 99 -7.72 -12.60 15.53
N VAL B 100 -6.63 -12.91 16.24
CA VAL B 100 -6.27 -14.29 16.57
C VAL B 100 -7.35 -14.94 17.42
N ASN B 101 -8.06 -14.15 18.25
CA ASN B 101 -9.18 -14.69 19.04
C ASN B 101 -10.33 -15.14 18.15
N LYS B 102 -10.26 -14.84 16.85
N LYS B 102 -10.34 -14.78 16.87
CA LYS B 102 -11.22 -15.31 15.87
CA LYS B 102 -11.32 -15.26 15.91
C LYS B 102 -10.60 -16.22 14.82
C LYS B 102 -10.69 -16.19 14.90
N GLY B 103 -9.39 -16.72 15.06
N GLY B 103 -9.44 -16.61 15.15
CA GLY B 103 -8.75 -17.64 14.16
CA GLY B 103 -8.73 -17.56 14.31
C GLY B 103 -8.15 -17.00 12.93
C GLY B 103 -8.16 -16.99 13.03
N GLU B 104 -7.93 -15.68 12.94
CA GLU B 104 -7.41 -15.06 11.72
C GLU B 104 -5.89 -15.18 11.69
N ASP B 105 -5.35 -15.16 10.47
N ASP B 105 -5.33 -15.16 10.48
CA ASP B 105 -3.94 -15.46 10.28
CA ASP B 105 -3.91 -15.47 10.31
C ASP B 105 -3.08 -14.29 10.78
C ASP B 105 -3.07 -14.29 10.79
N ILE B 106 -2.33 -14.49 11.88
CA ILE B 106 -1.38 -13.50 12.40
C ILE B 106 -0.43 -13.02 11.31
N GLN B 107 -0.21 -13.84 10.27
CA GLN B 107 0.66 -13.43 9.16
C GLN B 107 0.19 -12.14 8.48
N LEU B 108 -1.11 -11.81 8.57
CA LEU B 108 -1.66 -10.59 7.96
C LEU B 108 -1.31 -9.33 8.72
N LEU B 109 -0.62 -9.46 9.84
CA LEU B 109 -0.27 -8.30 10.64
C LEU B 109 0.70 -7.39 9.91
N LYS B 110 1.63 -7.94 9.11
CA LYS B 110 2.54 -7.08 8.38
C LYS B 110 1.78 -6.22 7.36
N SER B 111 0.87 -6.83 6.60
CA SER B 111 0.03 -6.07 5.67
C SER B 111 -0.71 -4.95 6.41
N ALA B 112 -1.24 -5.24 7.59
CA ALA B 112 -1.97 -4.23 8.34
C ALA B 112 -1.06 -3.06 8.68
N TYR B 113 0.16 -3.33 9.16
CA TYR B 113 1.07 -2.23 9.50
C TYR B 113 1.52 -1.45 8.27
N GLU B 114 1.58 -2.08 7.09
CA GLU B 114 1.99 -1.34 5.90
C GLU B 114 1.09 -0.15 5.63
N ASN B 115 -0.17 -0.18 6.09
CA ASN B 115 -1.04 0.98 5.90
C ASN B 115 -0.46 2.22 6.57
N PHE B 116 0.29 2.04 7.65
CA PHE B 116 0.84 3.20 8.34
C PHE B 116 1.80 3.99 7.45
N ASN B 117 2.45 3.32 6.49
CA ASN B 117 3.46 3.97 5.65
C ASN B 117 2.86 5.01 4.71
N GLN B 118 1.54 5.08 4.60
CA GLN B 118 0.89 6.09 3.78
C GLN B 118 0.67 7.41 4.52
N HIS B 119 1.17 7.53 5.75
CA HIS B 119 0.99 8.72 6.59
C HIS B 119 2.32 9.07 7.23
N GLU B 120 2.71 10.34 7.17
N GLU B 120 2.71 10.35 7.16
CA GLU B 120 4.05 10.70 7.63
CA GLU B 120 4.04 10.73 7.62
C GLU B 120 4.19 10.57 9.13
C GLU B 120 4.18 10.59 9.12
N VAL B 121 3.11 10.81 9.88
CA VAL B 121 3.14 10.70 11.34
C VAL B 121 1.78 10.24 11.84
N LEU B 122 1.78 9.31 12.81
CA LEU B 122 0.55 8.72 13.34
C LEU B 122 0.67 8.51 14.84
N LEU B 123 -0.46 8.68 15.54
CA LEU B 123 -0.66 8.19 16.90
C LEU B 123 -1.40 6.85 16.78
N ALA B 124 -0.88 5.79 17.42
CA ALA B 124 -1.43 4.47 17.13
C ALA B 124 -1.39 3.55 18.34
N PRO B 125 -2.28 2.56 18.38
CA PRO B 125 -2.13 1.41 19.27
C PRO B 125 -1.33 0.31 18.57
N LEU B 126 -0.91 -0.68 19.34
CA LEU B 126 -0.34 -1.90 18.76
C LEU B 126 -1.43 -2.73 18.11
N LEU B 127 -1.28 -2.99 16.81
CA LEU B 127 -2.29 -3.73 16.08
C LEU B 127 -2.34 -5.19 16.52
N SER B 128 -3.55 -5.73 16.51
CA SER B 128 -3.86 -7.12 16.85
C SER B 128 -3.58 -7.44 18.31
N ALA B 129 -3.23 -6.45 19.14
CA ALA B 129 -3.03 -6.67 20.57
C ALA B 129 -4.36 -6.67 21.31
N GLY B 130 -4.28 -6.92 22.62
CA GLY B 130 -5.42 -6.79 23.49
C GLY B 130 -6.51 -7.76 23.10
N ILE B 131 -7.72 -7.23 22.89
CA ILE B 131 -8.86 -8.08 22.62
C ILE B 131 -8.73 -8.81 21.29
N PHE B 132 -7.77 -8.43 20.43
CA PHE B 132 -7.53 -9.14 19.19
C PHE B 132 -6.62 -10.36 19.39
N GLY B 133 -5.97 -10.51 20.55
CA GLY B 133 -5.36 -11.79 20.92
C GLY B 133 -3.94 -12.07 20.49
N ALA B 134 -3.28 -11.19 19.73
CA ALA B 134 -1.89 -11.44 19.38
C ALA B 134 -0.97 -11.06 20.53
N ASP B 135 0.22 -11.63 20.51
CA ASP B 135 1.26 -11.27 21.47
C ASP B 135 1.68 -9.82 21.21
N PRO B 136 1.51 -8.90 22.16
CA PRO B 136 1.91 -7.51 21.90
C PRO B 136 3.40 -7.37 21.61
N ILE B 137 4.24 -8.26 22.16
CA ILE B 137 5.67 -8.23 21.84
C ILE B 137 5.88 -8.48 20.36
N HIS B 138 5.13 -9.43 19.80
CA HIS B 138 5.22 -9.69 18.37
C HIS B 138 4.67 -8.51 17.57
N SER B 139 3.61 -7.88 18.05
CA SER B 139 3.05 -6.77 17.30
C SER B 139 4.04 -5.62 17.23
N LEU B 140 4.76 -5.37 18.33
CA LEU B 140 5.78 -4.33 18.32
C LEU B 140 6.90 -4.70 17.34
N ARG B 141 7.31 -5.97 17.32
CA ARG B 141 8.30 -6.47 16.37
C ARG B 141 7.90 -6.17 14.94
N VAL B 142 6.69 -6.57 14.57
CA VAL B 142 6.22 -6.33 13.21
C VAL B 142 6.13 -4.84 12.93
N CYS B 143 5.65 -4.06 13.89
CA CYS B 143 5.62 -2.61 13.71
C CYS B 143 6.99 -2.07 13.36
N VAL B 144 7.99 -2.39 14.17
CA VAL B 144 9.33 -1.84 13.95
C VAL B 144 9.91 -2.31 12.62
N ASP B 145 9.60 -3.53 12.21
CA ASP B 145 10.17 -4.10 11.00
C ASP B 145 9.39 -3.73 9.76
N THR B 146 8.26 -3.03 9.90
CA THR B 146 7.40 -2.71 8.76
C THR B 146 7.17 -1.22 8.56
N VAL B 147 6.93 -0.49 9.64
CA VAL B 147 6.61 0.93 9.53
C VAL B 147 7.89 1.71 9.38
N ARG B 148 7.91 2.62 8.40
CA ARG B 148 9.05 3.50 8.17
C ARG B 148 8.71 4.97 8.43
N THR B 149 7.43 5.33 8.48
CA THR B 149 6.99 6.67 8.86
C THR B 149 7.00 6.77 10.39
N ASN B 150 6.70 7.96 10.90
CA ASN B 150 6.87 8.22 12.32
C ASN B 150 5.62 7.76 13.07
N VAL B 151 5.77 6.73 13.89
CA VAL B 151 4.65 6.18 14.63
C VAL B 151 4.90 6.32 16.12
N TYR B 152 3.91 6.90 16.80
CA TYR B 152 3.89 7.14 18.24
C TYR B 152 2.87 6.18 18.84
N LEU B 153 3.35 5.16 19.54
CA LEU B 153 2.53 4.10 20.10
C LEU B 153 2.12 4.45 21.52
N ALA B 154 0.84 4.33 21.80
CA ALA B 154 0.27 4.52 23.13
C ALA B 154 -0.11 3.16 23.70
N VAL B 155 0.45 2.85 24.86
CA VAL B 155 0.20 1.60 25.58
C VAL B 155 -0.40 1.97 26.92
N PHE B 156 -1.65 1.53 27.15
CA PHE B 156 -2.39 1.94 28.34
C PHE B 156 -1.82 1.38 29.64
N ASP B 157 -1.57 0.08 29.69
CA ASP B 157 -1.17 -0.55 30.94
C ASP B 157 0.35 -0.36 31.17
N LYS B 158 0.73 0.33 32.26
CA LYS B 158 2.15 0.48 32.63
C LYS B 158 2.90 -0.84 32.62
N ASN B 159 2.27 -1.91 33.12
CA ASN B 159 2.97 -3.19 33.22
C ASN B 159 3.22 -3.80 31.84
N LEU B 160 2.30 -3.63 30.88
CA LEU B 160 2.57 -4.07 29.53
C LEU B 160 3.62 -3.18 28.86
N TYR B 161 3.53 -1.86 29.08
CA TYR B 161 4.54 -0.94 28.57
C TYR B 161 5.93 -1.39 29.02
N ASP B 162 6.08 -1.70 30.32
CA ASP B 162 7.38 -2.12 30.84
C ASP B 162 7.84 -3.42 30.20
N LYS B 163 6.92 -4.36 30.00
CA LYS B 163 7.27 -5.63 29.35
C LYS B 163 7.74 -5.39 27.91
N LEU B 164 7.06 -4.48 27.19
CA LEU B 164 7.44 -4.17 25.82
C LEU B 164 8.79 -3.48 25.74
N VAL B 165 9.02 -2.45 26.58
CA VAL B 165 10.27 -1.70 26.53
C VAL B 165 11.42 -2.56 27.01
N SER B 166 11.23 -3.24 28.14
CA SER B 166 12.30 -3.98 28.79
C SER B 166 12.79 -5.12 27.91
N SER B 167 11.92 -5.70 27.09
CA SER B 167 12.26 -6.84 26.24
C SER B 167 12.61 -6.44 24.81
N PHE B 168 12.44 -5.18 24.42
CA PHE B 168 12.70 -4.79 23.03
C PHE B 168 14.19 -4.90 22.71
N LEU B 169 15.05 -4.65 23.69
N LEU B 169 15.03 -4.59 23.70
CA LEU B 169 16.48 -4.68 23.49
CA LEU B 169 16.49 -4.61 23.54
C LEU B 169 17.21 -5.06 24.78
C LEU B 169 17.14 -5.05 24.85
#